data_8CU0
#
_entry.id   8CU0
#
_cell.length_a   36.894
_cell.length_b   89.403
_cell.length_c   73.890
_cell.angle_alpha   90.000
_cell.angle_beta   101.420
_cell.angle_gamma   90.000
#
_symmetry.space_group_name_H-M   'P 1 21 1'
#
loop_
_entity.id
_entity.type
_entity.pdbx_description
1 polymer 'Ribonuclease H'
2 polymer "DNA (5'-D(*CP*GP*GP*GP*CP*AP*TP*GP*(OWR)P*CP*CP*G)-3')"
3 non-polymer 1,2-ETHANEDIOL
4 non-polymer GLYCEROL
5 non-polymer 'SODIUM ION'
6 water water
#
loop_
_entity_poly.entity_id
_entity_poly.type
_entity_poly.pdbx_seq_one_letter_code
_entity_poly.pdbx_strand_id
1 'polypeptide(L)'
;GSHMAKEEIIWESLSVDVGSQGNPGIVEYKGVDTKTGEVLFEREPIPIGTNNMGEFLAIVHGLRYLKERNSRKPIYSNSQ
TAIKWVKDKKAKSTLVRNEETALIWKLVDEAEEWLNTHTYETPILKWQTDKWGEIKADYGRK
;
A,B,C
2 'polydeoxyribonucleotide' (DC)(DG)(DG)(DG)(DC)(DA)(DT)(DG)(OWR)(DC)(DC)(DG) D,E
#
loop_
_chem_comp.id
_chem_comp.type
_chem_comp.name
_chem_comp.formula
DA DNA linking 2'-DEOXYADENOSINE-5'-MONOPHOSPHATE 'C10 H14 N5 O6 P'
DC DNA linking 2'-DEOXYCYTIDINE-5'-MONOPHOSPHATE 'C9 H14 N3 O7 P'
DG DNA linking 2'-DEOXYGUANOSINE-5'-MONOPHOSPHATE 'C10 H14 N5 O7 P'
DT DNA linking THYMIDINE-5'-MONOPHOSPHATE 'C10 H15 N2 O8 P'
EDO non-polymer 1,2-ETHANEDIOL 'C2 H6 O2'
GOL non-polymer GLYCEROL 'C3 H8 O3'
NA non-polymer 'SODIUM ION' 'Na 1'
OWR DNA linking 1-[2-deoxy-5-O-(dihydroxyphosphanyl)-beta-D-erythro-pentofuranosyl]-1H-naphtho[2,3-d]imidazole 'C16 H17 N2 O6 P'
#
# COMPACT_ATOMS: atom_id res chain seq x y z
N GLU A 8 -6.01 -23.08 5.85
CA GLU A 8 -5.68 -22.87 4.44
C GLU A 8 -4.41 -22.02 4.31
N ILE A 9 -3.59 -22.35 3.31
CA ILE A 9 -2.39 -21.57 3.02
C ILE A 9 -2.79 -20.21 2.45
N ILE A 10 -2.19 -19.14 2.97
CA ILE A 10 -2.36 -17.80 2.41
C ILE A 10 -1.28 -17.59 1.36
N TRP A 11 -1.67 -17.63 0.07
CA TRP A 11 -0.66 -17.59 -0.99
C TRP A 11 -0.06 -16.21 -1.14
N GLU A 12 -0.81 -15.15 -0.84
CA GLU A 12 -0.24 -13.80 -0.87
C GLU A 12 0.46 -13.56 0.47
N SER A 13 1.69 -14.08 0.55
CA SER A 13 2.45 -13.98 1.79
C SER A 13 3.92 -14.14 1.45
N LEU A 14 4.74 -13.98 2.48
CA LEU A 14 6.16 -14.18 2.37
C LEU A 14 6.55 -15.34 3.27
N SER A 15 7.49 -16.17 2.83
CA SER A 15 7.94 -17.31 3.61
C SER A 15 9.45 -17.16 3.83
N VAL A 16 9.90 -17.43 5.06
CA VAL A 16 11.31 -17.28 5.42
C VAL A 16 11.83 -18.63 5.93
N ASP A 17 13.14 -18.83 5.80
CA ASP A 17 13.75 -20.03 6.37
C ASP A 17 15.25 -19.84 6.53
N VAL A 18 15.81 -20.55 7.52
CA VAL A 18 17.24 -20.59 7.76
C VAL A 18 17.81 -21.81 7.05
N GLY A 19 19.05 -21.71 6.64
CA GLY A 19 19.86 -22.86 6.28
C GLY A 19 21.08 -22.87 7.19
N SER A 20 21.45 -24.06 7.67
CA SER A 20 22.58 -24.17 8.58
C SER A 20 23.33 -25.47 8.34
N GLN A 21 24.62 -25.44 8.66
CA GLN A 21 25.45 -26.64 8.63
C GLN A 21 25.41 -27.29 10.01
N GLY A 22 26.32 -26.87 10.89
CA GLY A 22 26.23 -27.27 12.28
C GLY A 22 25.27 -26.40 13.07
N ASN A 23 24.98 -26.81 14.30
CA ASN A 23 24.18 -25.99 15.22
C ASN A 23 24.78 -26.07 16.61
N PRO A 24 25.57 -25.05 17.02
CA PRO A 24 25.94 -23.83 16.27
C PRO A 24 26.83 -24.11 15.07
N GLY A 25 26.73 -23.26 14.05
CA GLY A 25 27.45 -23.48 12.82
C GLY A 25 27.21 -22.35 11.87
N ILE A 26 27.47 -22.62 10.58
CA ILE A 26 27.24 -21.59 9.58
C ILE A 26 25.74 -21.47 9.37
N VAL A 27 25.23 -20.24 9.36
CA VAL A 27 23.80 -20.00 9.17
C VAL A 27 23.57 -18.96 8.09
N GLU A 28 22.52 -19.16 7.31
CA GLU A 28 22.07 -18.17 6.35
C GLU A 28 20.56 -18.18 6.34
N TYR A 29 19.94 -17.20 5.68
CA TYR A 29 18.49 -17.22 5.54
C TYR A 29 18.05 -16.46 4.29
N LYS A 30 16.80 -16.70 3.89
CA LYS A 30 16.21 -15.98 2.78
C LYS A 30 14.71 -15.85 3.01
N GLY A 31 14.12 -14.92 2.29
CA GLY A 31 12.68 -14.79 2.27
C GLY A 31 12.19 -14.82 0.85
N VAL A 32 11.12 -15.58 0.60
CA VAL A 32 10.62 -15.83 -0.74
C VAL A 32 9.12 -15.62 -0.79
N ASP A 33 8.64 -15.32 -1.99
CA ASP A 33 7.21 -15.33 -2.25
C ASP A 33 6.67 -16.73 -2.05
N THR A 34 5.66 -16.86 -1.20
CA THR A 34 5.18 -18.17 -0.79
C THR A 34 4.65 -18.97 -1.97
N LYS A 35 4.04 -18.29 -2.95
CA LYS A 35 3.53 -18.96 -4.14
C LYS A 35 4.59 -19.17 -5.22
N THR A 36 5.26 -18.09 -5.65
CA THR A 36 6.12 -18.14 -6.82
C THR A 36 7.54 -18.63 -6.52
N GLY A 37 7.97 -18.57 -5.26
CA GLY A 37 9.34 -18.87 -4.94
C GLY A 37 10.34 -17.77 -5.23
N GLU A 38 9.90 -16.62 -5.74
CA GLU A 38 10.82 -15.52 -5.98
C GLU A 38 11.58 -15.17 -4.71
N VAL A 39 12.91 -15.10 -4.80
CA VAL A 39 13.72 -14.72 -3.64
C VAL A 39 13.64 -13.20 -3.47
N LEU A 40 13.12 -12.75 -2.34
CA LEU A 40 12.91 -11.33 -2.13
C LEU A 40 14.04 -10.67 -1.34
N PHE A 41 14.69 -11.41 -0.45
CA PHE A 41 15.89 -10.94 0.25
C PHE A 41 16.66 -12.17 0.70
N GLU A 42 17.96 -11.99 0.93
CA GLU A 42 18.74 -13.08 1.49
C GLU A 42 19.83 -12.50 2.37
N ARG A 43 20.29 -13.33 3.30
CA ARG A 43 21.42 -13.03 4.16
C ARG A 43 22.51 -14.05 3.85
N GLU A 44 23.70 -13.56 3.50
CA GLU A 44 24.81 -14.41 3.13
C GLU A 44 25.31 -15.18 4.37
N PRO A 45 25.98 -16.32 4.16
CA PRO A 45 26.39 -17.16 5.30
C PRO A 45 27.11 -16.36 6.37
N ILE A 46 26.73 -16.64 7.62
CA ILE A 46 27.35 -16.12 8.82
C ILE A 46 28.16 -17.26 9.44
N PRO A 47 29.47 -17.10 9.66
CA PRO A 47 30.26 -18.29 10.06
C PRO A 47 29.79 -18.99 11.33
N ILE A 48 29.36 -18.27 12.37
CA ILE A 48 28.92 -18.92 13.61
C ILE A 48 27.54 -18.40 14.00
N GLY A 49 26.56 -19.29 14.09
CA GLY A 49 25.28 -18.90 14.65
C GLY A 49 24.49 -20.12 15.01
N THR A 50 23.27 -19.89 15.49
CA THR A 50 22.38 -21.01 15.75
C THR A 50 21.17 -20.89 14.87
N ASN A 51 20.49 -22.03 14.71
CA ASN A 51 19.28 -22.09 13.89
C ASN A 51 18.25 -21.08 14.36
N ASN A 52 18.06 -20.99 15.69
CA ASN A 52 17.01 -20.15 16.23
C ASN A 52 17.34 -18.67 16.03
N MET A 53 18.61 -18.31 16.16
CA MET A 53 19.05 -16.95 15.87
C MET A 53 18.82 -16.61 14.40
N GLY A 54 19.16 -17.52 13.49
CA GLY A 54 18.90 -17.27 12.07
C GLY A 54 17.43 -17.13 11.75
N GLU A 55 16.59 -17.98 12.34
CA GLU A 55 15.15 -17.94 12.06
C GLU A 55 14.54 -16.63 12.57
N PHE A 56 15.05 -16.16 13.72
CA PHE A 56 14.62 -14.89 14.31
C PHE A 56 14.99 -13.72 13.41
N LEU A 57 16.26 -13.66 12.96
CA LEU A 57 16.69 -12.60 12.05
C LEU A 57 15.87 -12.61 10.77
N ALA A 58 15.52 -13.80 10.30
CA ALA A 58 14.81 -13.92 9.03
C ALA A 58 13.39 -13.32 9.13
N ILE A 59 12.70 -13.57 10.24
CA ILE A 59 11.38 -12.98 10.42
C ILE A 59 11.49 -11.45 10.50
N VAL A 60 12.44 -10.95 11.30
CA VAL A 60 12.50 -9.50 11.48
C VAL A 60 12.91 -8.82 10.18
N HIS A 61 13.79 -9.47 9.40
CA HIS A 61 14.11 -8.95 8.07
C HIS A 61 12.88 -8.85 7.19
N GLY A 62 12.04 -9.89 7.19
CA GLY A 62 10.78 -9.84 6.45
C GLY A 62 9.85 -8.74 6.92
N LEU A 63 9.74 -8.57 8.24
CA LEU A 63 8.97 -7.45 8.79
C LEU A 63 9.46 -6.11 8.26
N ARG A 64 10.79 -5.89 8.30
CA ARG A 64 11.32 -4.63 7.81
C ARG A 64 11.15 -4.50 6.30
N TYR A 65 11.38 -5.59 5.57
CA TYR A 65 11.17 -5.60 4.12
C TYR A 65 9.75 -5.17 3.79
N LEU A 66 8.77 -5.75 4.48
CA LEU A 66 7.38 -5.46 4.18
C LEU A 66 7.00 -4.06 4.64
N LYS A 67 7.45 -3.64 5.83
CA LYS A 67 7.18 -2.28 6.29
C LYS A 67 7.66 -1.24 5.30
N GLU A 68 8.91 -1.37 4.83
CA GLU A 68 9.49 -0.43 3.89
C GLU A 68 8.67 -0.31 2.61
N ARG A 69 7.91 -1.35 2.27
CA ARG A 69 7.10 -1.37 1.06
C ARG A 69 5.61 -1.17 1.35
N ASN A 70 5.26 -0.75 2.58
CA ASN A 70 3.87 -0.50 2.97
C ASN A 70 2.99 -1.74 2.74
N SER A 71 3.53 -2.92 3.00
CA SER A 71 2.80 -4.17 2.80
C SER A 71 2.46 -4.77 4.16
N ARG A 72 1.24 -5.30 4.28
CA ARG A 72 0.75 -5.94 5.49
C ARG A 72 0.53 -7.43 5.32
N LYS A 73 1.02 -8.03 4.23
CA LYS A 73 0.78 -9.44 3.98
C LYS A 73 1.51 -10.30 5.02
N PRO A 74 1.01 -11.52 5.26
CA PRO A 74 1.59 -12.34 6.33
C PRO A 74 2.99 -12.85 6.01
N ILE A 75 3.69 -13.23 7.08
CA ILE A 75 4.96 -13.95 6.99
C ILE A 75 4.77 -15.33 7.57
N TYR A 76 5.23 -16.36 6.84
CA TYR A 76 5.27 -17.73 7.34
C TYR A 76 6.68 -18.10 7.81
N SER A 77 6.75 -18.79 8.95
CA SER A 77 7.95 -19.43 9.47
C SER A 77 7.58 -20.80 10.04
N ASN A 78 8.48 -21.77 9.94
CA ASN A 78 8.21 -23.04 10.59
C ASN A 78 8.86 -23.16 11.97
N SER A 79 9.39 -22.05 12.51
CA SER A 79 10.10 -22.09 13.79
C SER A 79 9.19 -21.56 14.89
N GLN A 80 8.66 -22.49 15.71
CA GLN A 80 7.88 -22.13 16.90
C GLN A 80 8.67 -21.18 17.79
N THR A 81 9.95 -21.49 17.98
CA THR A 81 10.80 -20.69 18.84
C THR A 81 10.98 -19.28 18.29
N ALA A 82 11.31 -19.15 16.99
CA ALA A 82 11.56 -17.83 16.45
C ALA A 82 10.31 -16.97 16.48
N ILE A 83 9.14 -17.55 16.17
CA ILE A 83 7.89 -16.80 16.20
C ILE A 83 7.64 -16.26 17.62
N LYS A 84 7.89 -17.09 18.63
CA LYS A 84 7.72 -16.66 20.03
C LYS A 84 8.68 -15.54 20.38
N TRP A 85 9.95 -15.69 20.00
CA TRP A 85 10.95 -14.66 20.25
C TRP A 85 10.54 -13.32 19.63
N VAL A 86 10.01 -13.34 18.40
CA VAL A 86 9.58 -12.10 17.79
C VAL A 86 8.42 -11.49 18.57
N LYS A 87 7.45 -12.32 18.99
CA LYS A 87 6.33 -11.79 19.73
C LYS A 87 6.78 -11.20 21.06
N ASP A 88 7.77 -11.81 21.70
CA ASP A 88 8.30 -11.30 22.96
C ASP A 88 9.33 -10.19 22.79
N LYS A 89 9.73 -9.89 21.55
CA LYS A 89 10.74 -8.86 21.23
C LYS A 89 12.09 -9.15 21.87
N LYS A 90 12.41 -10.44 22.05
CA LYS A 90 13.66 -10.81 22.70
C LYS A 90 14.07 -12.20 22.21
N ALA A 91 15.26 -12.28 21.63
CA ALA A 91 15.84 -13.56 21.24
C ALA A 91 16.59 -14.17 22.42
N LYS A 92 16.07 -15.29 22.94
CA LYS A 92 16.60 -15.91 24.15
C LYS A 92 17.63 -17.00 23.83
N SER A 93 18.64 -16.63 23.06
CA SER A 93 19.66 -17.58 22.65
C SER A 93 20.65 -17.81 23.76
N THR A 94 21.20 -19.03 23.82
CA THR A 94 22.25 -19.36 24.77
C THR A 94 23.63 -19.28 24.17
N LEU A 95 23.75 -18.81 22.93
CA LEU A 95 25.03 -18.85 22.25
C LEU A 95 25.98 -17.87 22.92
N VAL A 96 27.20 -18.30 23.21
CA VAL A 96 28.15 -17.41 23.86
C VAL A 96 28.36 -16.16 23.02
N ARG A 97 28.47 -15.00 23.67
CA ARG A 97 28.78 -13.75 22.99
C ARG A 97 30.24 -13.41 23.21
N ASN A 98 31.05 -13.53 22.16
CA ASN A 98 32.46 -13.15 22.17
C ASN A 98 32.84 -12.66 20.78
N GLU A 99 34.15 -12.47 20.55
CA GLU A 99 34.62 -11.98 19.26
C GLU A 99 34.23 -12.90 18.10
N GLU A 100 34.17 -14.22 18.33
CA GLU A 100 33.84 -15.13 17.25
C GLU A 100 32.35 -15.11 16.90
N THR A 101 31.50 -14.67 17.83
CA THR A 101 30.07 -14.62 17.59
C THR A 101 29.55 -13.19 17.54
N ALA A 102 30.43 -12.20 17.42
CA ALA A 102 30.00 -10.82 17.47
C ALA A 102 29.13 -10.44 16.28
N LEU A 103 29.32 -11.09 15.15
CA LEU A 103 28.50 -10.77 13.98
C LEU A 103 27.04 -11.09 14.23
N ILE A 104 26.74 -12.34 14.52
CA ILE A 104 25.34 -12.70 14.66
C ILE A 104 24.73 -12.00 15.86
N TRP A 105 25.51 -11.77 16.93
CA TRP A 105 24.93 -11.07 18.06
C TRP A 105 24.65 -9.62 17.75
N LYS A 106 25.44 -8.99 16.89
CA LYS A 106 25.10 -7.62 16.52
C LYS A 106 23.83 -7.60 15.66
N LEU A 107 23.67 -8.60 14.79
CA LEU A 107 22.48 -8.64 13.94
C LEU A 107 21.23 -8.85 14.79
N VAL A 108 21.35 -9.67 15.84
CA VAL A 108 20.24 -9.88 16.76
C VAL A 108 19.94 -8.62 17.55
N ASP A 109 21.00 -7.95 18.05
CA ASP A 109 20.81 -6.65 18.71
C ASP A 109 20.01 -5.70 17.84
N GLU A 110 20.36 -5.60 16.56
CA GLU A 110 19.69 -4.64 15.69
C GLU A 110 18.26 -5.05 15.41
N ALA A 111 18.01 -6.36 15.30
CA ALA A 111 16.65 -6.84 15.09
C ALA A 111 15.79 -6.53 16.31
N GLU A 112 16.30 -6.82 17.50
CA GLU A 112 15.56 -6.51 18.72
C GLU A 112 15.28 -5.03 18.82
N GLU A 113 16.26 -4.20 18.46
CA GLU A 113 16.09 -2.75 18.43
C GLU A 113 14.97 -2.33 17.48
N TRP A 114 14.95 -2.89 16.27
CA TRP A 114 13.85 -2.63 15.35
C TRP A 114 12.50 -2.97 15.98
N LEU A 115 12.38 -4.16 16.58
CA LEU A 115 11.09 -4.57 17.13
C LEU A 115 10.66 -3.66 18.28
N ASN A 116 11.61 -3.15 19.05
CA ASN A 116 11.28 -2.29 20.18
C ASN A 116 10.97 -0.85 19.77
N THR A 117 11.15 -0.50 18.51
CA THR A 117 10.94 0.86 18.06
C THR A 117 9.92 0.98 16.95
N HIS A 118 9.24 -0.11 16.59
CA HIS A 118 8.28 -0.09 15.49
C HIS A 118 7.07 -0.94 15.85
N THR A 119 5.93 -0.57 15.27
CA THR A 119 4.70 -1.35 15.31
C THR A 119 4.44 -1.91 13.92
N TYR A 120 3.67 -2.99 13.86
CA TYR A 120 3.36 -3.58 12.56
C TYR A 120 2.07 -4.39 12.67
N GLU A 121 1.36 -4.51 11.55
CA GLU A 121 0.18 -5.36 11.52
C GLU A 121 0.47 -6.74 10.94
N THR A 122 1.67 -6.95 10.40
CA THR A 122 2.02 -8.19 9.72
C THR A 122 1.68 -9.41 10.57
N PRO A 123 0.83 -10.31 10.07
CA PRO A 123 0.62 -11.59 10.78
C PRO A 123 1.82 -12.49 10.58
N ILE A 124 2.31 -13.04 11.68
CA ILE A 124 3.42 -13.99 11.67
C ILE A 124 2.82 -15.34 11.97
N LEU A 125 2.82 -16.23 10.98
CA LEU A 125 2.06 -17.47 10.97
C LEU A 125 2.99 -18.67 10.99
N LYS A 126 2.57 -19.72 11.68
CA LYS A 126 3.32 -20.97 11.73
C LYS A 126 3.07 -21.76 10.46
N TRP A 127 4.14 -22.09 9.73
CA TRP A 127 4.02 -22.99 8.58
C TRP A 127 3.79 -24.41 9.07
N GLN A 128 2.76 -25.06 8.52
CA GLN A 128 2.29 -26.38 8.98
C GLN A 128 2.95 -27.46 8.15
N THR A 129 4.19 -27.80 8.52
CA THR A 129 4.97 -28.71 7.68
C THR A 129 4.30 -30.07 7.57
N ASP A 130 3.78 -30.58 8.70
CA ASP A 130 3.11 -31.88 8.69
C ASP A 130 1.91 -31.91 7.74
N LYS A 131 1.29 -30.77 7.48
CA LYS A 131 0.15 -30.70 6.56
C LYS A 131 0.53 -30.29 5.15
N TRP A 132 1.43 -29.33 5.00
CA TRP A 132 1.64 -28.68 3.70
C TRP A 132 2.97 -29.05 3.06
N GLY A 133 3.78 -29.87 3.70
CA GLY A 133 5.10 -30.14 3.18
C GLY A 133 6.07 -29.05 3.57
N GLU A 134 7.23 -29.05 2.91
CA GLU A 134 8.32 -28.19 3.33
C GLU A 134 8.00 -26.74 3.01
N ILE A 135 8.47 -25.82 3.86
CA ILE A 135 8.27 -24.40 3.60
C ILE A 135 8.99 -23.99 2.32
N LYS A 136 8.39 -23.03 1.60
CA LYS A 136 8.86 -22.61 0.27
C LYS A 136 10.29 -22.10 0.29
N ALA A 137 10.71 -21.50 1.40
CA ALA A 137 12.04 -20.93 1.52
C ALA A 137 13.09 -21.93 1.99
N ASP A 138 12.72 -23.22 2.08
CA ASP A 138 13.67 -24.22 2.54
C ASP A 138 14.83 -24.33 1.56
N TYR A 139 16.00 -24.65 2.09
CA TYR A 139 17.18 -24.81 1.26
C TYR A 139 17.27 -26.24 0.74
N GLU B 8 -30.64 5.30 -10.77
CA GLU B 8 -29.49 5.48 -11.66
C GLU B 8 -28.19 5.62 -10.84
N ILE B 9 -27.11 5.10 -11.41
CA ILE B 9 -25.84 4.95 -10.71
C ILE B 9 -25.08 6.27 -10.69
N ILE B 10 -24.56 6.64 -9.52
CA ILE B 10 -23.62 7.76 -9.40
C ILE B 10 -22.24 7.24 -9.76
N TRP B 11 -21.80 7.48 -11.00
CA TRP B 11 -20.55 6.88 -11.49
C TRP B 11 -19.31 7.53 -10.88
N GLU B 12 -19.40 8.78 -10.45
CA GLU B 12 -18.29 9.44 -9.78
C GLU B 12 -18.37 9.04 -8.30
N SER B 13 -17.87 7.84 -8.01
CA SER B 13 -18.05 7.24 -6.70
C SER B 13 -17.02 6.15 -6.47
N LEU B 14 -16.92 5.72 -5.22
CA LEU B 14 -16.12 4.58 -4.78
C LEU B 14 -17.01 3.37 -4.55
N SER B 15 -16.57 2.21 -5.03
CA SER B 15 -17.21 0.93 -4.76
C SER B 15 -16.25 0.01 -3.99
N VAL B 16 -16.76 -0.68 -2.98
CA VAL B 16 -15.92 -1.58 -2.17
C VAL B 16 -16.48 -3.00 -2.26
N ASP B 17 -15.60 -3.99 -2.18
CA ASP B 17 -16.05 -5.37 -2.11
C ASP B 17 -15.03 -6.20 -1.34
N VAL B 18 -15.47 -7.39 -0.95
CA VAL B 18 -14.73 -8.27 -0.06
C VAL B 18 -14.56 -9.61 -0.75
N GLY B 19 -13.37 -10.18 -0.64
CA GLY B 19 -13.15 -11.56 -1.00
C GLY B 19 -12.76 -12.36 0.23
N SER B 20 -13.38 -13.51 0.44
CA SER B 20 -12.98 -14.33 1.57
C SER B 20 -12.80 -15.76 1.12
N GLN B 21 -11.99 -16.50 1.85
CA GLN B 21 -11.87 -17.95 1.68
C GLN B 21 -12.28 -18.58 3.00
N GLY B 22 -13.50 -19.08 3.07
CA GLY B 22 -14.06 -19.51 4.33
C GLY B 22 -14.71 -18.37 5.10
N ASN B 23 -15.61 -18.73 6.00
CA ASN B 23 -16.33 -17.76 6.82
C ASN B 23 -16.71 -18.43 8.13
N PRO B 24 -15.96 -18.17 9.23
CA PRO B 24 -14.78 -17.30 9.32
C PRO B 24 -13.63 -17.86 8.50
N GLY B 25 -12.83 -16.99 7.90
CA GLY B 25 -11.72 -17.45 7.09
C GLY B 25 -10.85 -16.30 6.68
N ILE B 26 -10.05 -16.52 5.64
CA ILE B 26 -9.14 -15.49 5.14
C ILE B 26 -9.95 -14.39 4.48
N VAL B 27 -9.66 -13.12 4.83
CA VAL B 27 -10.44 -11.98 4.36
C VAL B 27 -9.53 -10.95 3.68
N GLU B 28 -9.99 -10.42 2.55
CA GLU B 28 -9.37 -9.25 1.95
C GLU B 28 -10.45 -8.40 1.31
N TYR B 29 -10.09 -7.16 0.98
CA TYR B 29 -11.09 -6.25 0.42
C TYR B 29 -10.38 -5.20 -0.43
N LYS B 30 -11.16 -4.52 -1.25
CA LYS B 30 -10.54 -3.43 -2.01
C LYS B 30 -11.60 -2.40 -2.34
N GLY B 31 -11.14 -1.18 -2.64
CA GLY B 31 -11.99 -0.11 -3.10
C GLY B 31 -11.61 0.31 -4.50
N VAL B 32 -12.58 0.49 -5.40
CA VAL B 32 -12.27 0.82 -6.78
C VAL B 32 -13.04 2.05 -7.23
N ASP B 33 -12.50 2.70 -8.25
CA ASP B 33 -13.17 3.78 -8.94
C ASP B 33 -14.35 3.19 -9.69
N THR B 34 -15.57 3.55 -9.30
CA THR B 34 -16.76 2.96 -9.93
C THR B 34 -16.74 3.18 -11.44
N LYS B 35 -16.31 4.37 -11.87
CA LYS B 35 -16.38 4.73 -13.28
C LYS B 35 -15.41 3.92 -14.13
N THR B 36 -14.15 3.79 -13.67
CA THR B 36 -13.07 3.25 -14.46
C THR B 36 -12.64 1.85 -14.07
N GLY B 37 -13.01 1.39 -12.88
CA GLY B 37 -12.53 0.11 -12.39
C GLY B 37 -11.14 0.11 -11.81
N GLU B 38 -10.50 1.27 -11.65
CA GLU B 38 -9.17 1.33 -11.07
C GLU B 38 -9.21 1.05 -9.58
N VAL B 39 -8.25 0.25 -9.11
CA VAL B 39 -8.13 -0.08 -7.70
C VAL B 39 -7.52 1.12 -6.97
N LEU B 40 -8.26 1.65 -6.00
CA LEU B 40 -7.79 2.82 -5.27
C LEU B 40 -7.14 2.44 -3.94
N PHE B 41 -7.60 1.35 -3.32
CA PHE B 41 -6.93 0.78 -2.16
C PHE B 41 -7.30 -0.70 -2.08
N GLU B 42 -6.44 -1.45 -1.39
CA GLU B 42 -6.66 -2.88 -1.29
C GLU B 42 -6.04 -3.30 0.03
N ARG B 43 -6.72 -4.19 0.77
CA ARG B 43 -6.22 -4.70 2.04
C ARG B 43 -5.73 -6.13 1.82
N GLU B 44 -4.47 -6.38 2.14
CA GLU B 44 -3.88 -7.68 1.97
C GLU B 44 -4.54 -8.69 2.92
N PRO B 45 -4.35 -9.99 2.68
CA PRO B 45 -5.08 -11.01 3.46
C PRO B 45 -4.96 -10.88 4.96
N ILE B 46 -6.11 -10.91 5.62
CA ILE B 46 -6.22 -11.06 7.07
C ILE B 46 -6.54 -12.53 7.36
N PRO B 47 -5.77 -13.20 8.19
CA PRO B 47 -5.88 -14.68 8.25
C PRO B 47 -7.23 -15.20 8.69
N ILE B 48 -7.88 -14.57 9.67
CA ILE B 48 -9.19 -15.03 10.15
C ILE B 48 -10.08 -13.80 10.36
N GLY B 49 -11.25 -13.80 9.71
CA GLY B 49 -12.28 -12.80 9.93
C GLY B 49 -13.57 -13.34 9.35
N THR B 50 -14.64 -12.57 9.47
CA THR B 50 -15.87 -12.89 8.77
C THR B 50 -16.06 -11.99 7.55
N ASN B 51 -16.92 -12.44 6.64
CA ASN B 51 -17.29 -11.62 5.48
C ASN B 51 -17.82 -10.25 5.93
N ASN B 52 -18.74 -10.25 6.92
CA ASN B 52 -19.35 -8.99 7.33
C ASN B 52 -18.33 -8.05 7.95
N MET B 53 -17.39 -8.56 8.78
CA MET B 53 -16.35 -7.69 9.30
C MET B 53 -15.54 -7.10 8.16
N GLY B 54 -15.25 -7.91 7.14
CA GLY B 54 -14.51 -7.40 5.99
C GLY B 54 -15.29 -6.33 5.26
N GLU B 55 -16.60 -6.53 5.08
CA GLU B 55 -17.42 -5.53 4.39
C GLU B 55 -17.47 -4.25 5.18
N PHE B 56 -17.54 -4.36 6.51
CA PHE B 56 -17.50 -3.21 7.42
C PHE B 56 -16.18 -2.44 7.28
N LEU B 57 -15.06 -3.16 7.33
CA LEU B 57 -13.75 -2.49 7.27
C LEU B 57 -13.59 -1.76 5.95
N ALA B 58 -14.09 -2.35 4.87
CA ALA B 58 -13.92 -1.77 3.54
C ALA B 58 -14.64 -0.44 3.45
N ILE B 59 -15.86 -0.35 3.99
CA ILE B 59 -16.56 0.94 3.96
C ILE B 59 -15.80 1.99 4.74
N VAL B 60 -15.36 1.65 5.95
CA VAL B 60 -14.67 2.63 6.79
C VAL B 60 -13.34 3.03 6.16
N HIS B 61 -12.65 2.10 5.51
CA HIS B 61 -11.48 2.44 4.72
C HIS B 61 -11.83 3.47 3.65
N GLY B 62 -12.95 3.26 2.94
CA GLY B 62 -13.39 4.23 1.94
C GLY B 62 -13.68 5.59 2.54
N LEU B 63 -14.38 5.62 3.68
CA LEU B 63 -14.67 6.88 4.34
C LEU B 63 -13.40 7.68 4.63
N ARG B 64 -12.38 7.00 5.15
CA ARG B 64 -11.14 7.69 5.52
C ARG B 64 -10.36 8.10 4.28
N TYR B 65 -10.33 7.22 3.27
CA TYR B 65 -9.67 7.52 2.00
C TYR B 65 -10.26 8.75 1.34
N LEU B 66 -11.59 8.84 1.29
CA LEU B 66 -12.23 10.02 0.71
C LEU B 66 -12.01 11.25 1.57
N LYS B 67 -12.06 11.08 2.92
CA LYS B 67 -11.91 12.24 3.79
C LYS B 67 -10.53 12.88 3.64
N GLU B 68 -9.49 12.06 3.52
CA GLU B 68 -8.16 12.66 3.42
C GLU B 68 -7.91 13.28 2.05
N ARG B 69 -8.71 12.92 1.06
CA ARG B 69 -8.60 13.48 -0.28
C ARG B 69 -9.64 14.59 -0.49
N ASN B 70 -10.19 15.12 0.60
CA ASN B 70 -11.14 16.23 0.52
C ASN B 70 -12.26 15.93 -0.48
N SER B 71 -12.70 14.67 -0.51
CA SER B 71 -13.69 14.24 -1.50
C SER B 71 -15.09 14.11 -0.90
N ARG B 72 -16.09 14.58 -1.64
CA ARG B 72 -17.47 14.43 -1.22
C ARG B 72 -18.19 13.28 -1.95
N LYS B 73 -17.43 12.40 -2.61
CA LYS B 73 -18.01 11.30 -3.37
C LYS B 73 -18.70 10.29 -2.45
N PRO B 74 -19.73 9.60 -2.94
CA PRO B 74 -20.36 8.55 -2.13
C PRO B 74 -19.63 7.22 -2.27
N ILE B 75 -19.99 6.28 -1.39
CA ILE B 75 -19.49 4.91 -1.43
C ILE B 75 -20.65 3.97 -1.73
N TYR B 76 -20.40 3.00 -2.61
CA TYR B 76 -21.31 1.87 -2.83
C TYR B 76 -20.76 0.60 -2.17
N SER B 77 -21.66 -0.14 -1.53
CA SER B 77 -21.36 -1.44 -0.98
C SER B 77 -22.57 -2.33 -1.26
N ASN B 78 -22.34 -3.61 -1.50
CA ASN B 78 -23.49 -4.50 -1.69
C ASN B 78 -23.90 -5.21 -0.40
N SER B 79 -23.29 -4.88 0.74
CA SER B 79 -23.63 -5.48 2.04
C SER B 79 -24.57 -4.56 2.81
N GLN B 80 -25.87 -4.88 2.83
CA GLN B 80 -26.74 -4.09 3.68
C GLN B 80 -26.37 -4.26 5.16
N THR B 81 -25.85 -5.43 5.53
CA THR B 81 -25.39 -5.62 6.91
C THR B 81 -24.32 -4.61 7.30
N ALA B 82 -23.30 -4.46 6.45
CA ALA B 82 -22.19 -3.56 6.77
C ALA B 82 -22.62 -2.11 6.70
N ILE B 83 -23.53 -1.77 5.79
CA ILE B 83 -24.05 -0.41 5.74
C ILE B 83 -24.69 -0.05 7.08
N LYS B 84 -25.53 -0.95 7.62
CA LYS B 84 -26.16 -0.68 8.92
C LYS B 84 -25.12 -0.57 10.03
N TRP B 85 -24.16 -1.51 10.06
CA TRP B 85 -23.12 -1.46 11.09
C TRP B 85 -22.38 -0.13 11.10
N VAL B 86 -22.08 0.40 9.91
CA VAL B 86 -21.39 1.69 9.85
C VAL B 86 -22.30 2.79 10.37
N LYS B 87 -23.56 2.78 9.95
CA LYS B 87 -24.56 3.74 10.41
C LYS B 87 -24.66 3.74 11.93
N ASP B 88 -24.64 2.53 12.54
CA ASP B 88 -24.69 2.35 13.99
C ASP B 88 -23.36 2.59 14.70
N LYS B 89 -22.26 2.70 13.94
CA LYS B 89 -20.92 2.80 14.54
C LYS B 89 -20.59 1.58 15.40
N LYS B 90 -21.15 0.43 15.06
CA LYS B 90 -20.85 -0.78 15.82
C LYS B 90 -20.95 -1.98 14.89
N ALA B 91 -19.86 -2.74 14.81
CA ALA B 91 -19.83 -3.98 14.02
C ALA B 91 -20.30 -5.09 14.95
N LYS B 92 -21.54 -5.53 14.73
CA LYS B 92 -22.21 -6.49 15.59
C LYS B 92 -21.77 -7.91 15.25
N SER B 93 -20.46 -8.17 15.23
CA SER B 93 -19.96 -9.49 14.90
C SER B 93 -19.99 -10.42 16.12
N THR B 94 -20.24 -11.69 15.84
CA THR B 94 -20.26 -12.77 16.82
C THR B 94 -18.92 -13.47 16.92
N LEU B 95 -17.95 -13.06 16.10
CA LEU B 95 -16.67 -13.76 16.05
C LEU B 95 -15.97 -13.70 17.40
N VAL B 96 -15.55 -14.86 17.90
CA VAL B 96 -14.84 -14.90 19.19
C VAL B 96 -13.63 -13.99 19.15
N ARG B 97 -13.36 -13.30 20.27
CA ARG B 97 -12.10 -12.58 20.43
C ARG B 97 -11.09 -13.50 21.10
N ASN B 98 -10.04 -13.89 20.37
CA ASN B 98 -8.94 -14.67 20.96
C ASN B 98 -7.66 -14.30 20.23
N GLU B 99 -6.57 -15.01 20.53
CA GLU B 99 -5.30 -14.64 19.89
C GLU B 99 -5.37 -14.79 18.38
N GLU B 100 -6.08 -15.80 17.89
CA GLU B 100 -6.15 -16.03 16.44
C GLU B 100 -6.96 -14.95 15.71
N THR B 101 -7.96 -14.36 16.37
CA THR B 101 -8.76 -13.30 15.77
C THR B 101 -8.31 -11.91 16.19
N ALA B 102 -7.12 -11.79 16.80
CA ALA B 102 -6.68 -10.49 17.33
C ALA B 102 -6.59 -9.42 16.26
N LEU B 103 -6.11 -9.77 15.06
CA LEU B 103 -5.89 -8.75 14.04
C LEU B 103 -7.22 -8.18 13.52
N ILE B 104 -8.14 -9.04 13.07
CA ILE B 104 -9.41 -8.51 12.57
C ILE B 104 -10.10 -7.69 13.64
N TRP B 105 -10.04 -8.13 14.89
CA TRP B 105 -10.75 -7.38 15.94
C TRP B 105 -10.07 -6.06 16.23
N LYS B 106 -8.73 -6.04 16.19
CA LYS B 106 -8.03 -4.76 16.31
C LYS B 106 -8.47 -3.79 15.21
N LEU B 107 -8.59 -4.27 13.96
CA LEU B 107 -8.99 -3.40 12.86
C LEU B 107 -10.42 -2.93 13.04
N VAL B 108 -11.31 -3.82 13.44
CA VAL B 108 -12.70 -3.42 13.65
C VAL B 108 -12.79 -2.42 14.81
N ASP B 109 -12.05 -2.68 15.88
CA ASP B 109 -12.06 -1.77 17.02
C ASP B 109 -11.53 -0.40 16.62
N GLU B 110 -10.48 -0.37 15.80
CA GLU B 110 -9.95 0.92 15.35
C GLU B 110 -10.90 1.61 14.39
N ALA B 111 -11.61 0.84 13.56
CA ALA B 111 -12.61 1.46 12.68
C ALA B 111 -13.76 2.05 13.48
N GLU B 112 -14.22 1.36 14.52
CA GLU B 112 -15.26 1.92 15.37
C GLU B 112 -14.79 3.22 16.05
N GLU B 113 -13.57 3.20 16.59
CA GLU B 113 -12.98 4.40 17.16
C GLU B 113 -13.00 5.57 16.18
N TRP B 114 -12.62 5.32 14.93
CA TRP B 114 -12.61 6.38 13.93
C TRP B 114 -14.03 6.92 13.69
N LEU B 115 -14.99 6.03 13.49
CA LEU B 115 -16.37 6.46 13.34
C LEU B 115 -16.84 7.25 14.56
N ASN B 116 -16.42 6.86 15.76
CA ASN B 116 -16.91 7.54 16.95
C ASN B 116 -16.20 8.85 17.25
N THR B 117 -15.14 9.18 16.51
CA THR B 117 -14.42 10.43 16.71
C THR B 117 -14.43 11.33 15.50
N HIS B 118 -15.08 10.94 14.41
CA HIS B 118 -15.08 11.73 13.19
C HIS B 118 -16.50 11.86 12.66
N THR B 119 -16.79 13.00 12.05
CA THR B 119 -18.02 13.20 11.31
C THR B 119 -17.72 13.14 9.81
N TYR B 120 -18.76 12.84 9.03
CA TYR B 120 -18.60 12.78 7.58
C TYR B 120 -19.97 12.96 6.94
N GLU B 121 -19.96 13.38 5.67
CA GLU B 121 -21.17 13.58 4.90
C GLU B 121 -21.33 12.54 3.79
N THR B 122 -20.29 11.75 3.54
CA THR B 122 -20.24 10.73 2.50
C THR B 122 -21.50 9.86 2.51
N PRO B 123 -22.27 9.83 1.43
CA PRO B 123 -23.38 8.88 1.34
C PRO B 123 -22.84 7.46 1.17
N ILE B 124 -23.36 6.54 1.97
CA ILE B 124 -23.03 5.13 1.85
C ILE B 124 -24.24 4.46 1.23
N LEU B 125 -24.10 3.99 -0.01
CA LEU B 125 -25.24 3.58 -0.80
C LEU B 125 -25.23 2.08 -1.09
N LYS B 126 -26.43 1.52 -1.20
CA LYS B 126 -26.57 0.09 -1.49
C LYS B 126 -26.41 -0.16 -2.99
N TRP B 127 -25.41 -0.97 -3.34
CA TRP B 127 -25.30 -1.40 -4.72
C TRP B 127 -26.34 -2.47 -5.00
N GLN B 128 -27.14 -2.27 -6.03
CA GLN B 128 -28.28 -3.15 -6.29
C GLN B 128 -27.87 -4.17 -7.35
N THR B 129 -27.30 -5.28 -6.87
CA THR B 129 -26.67 -6.25 -7.74
C THR B 129 -27.66 -6.85 -8.74
N ASP B 130 -28.81 -7.33 -8.25
CA ASP B 130 -29.80 -7.94 -9.15
C ASP B 130 -30.30 -6.98 -10.21
N LYS B 131 -30.25 -5.68 -9.95
CA LYS B 131 -30.72 -4.70 -10.92
C LYS B 131 -29.61 -4.06 -11.76
N TRP B 132 -28.37 -3.99 -11.24
CA TRP B 132 -27.30 -3.29 -11.93
C TRP B 132 -26.14 -4.17 -12.37
N GLY B 133 -26.13 -5.45 -12.01
CA GLY B 133 -24.99 -6.30 -12.34
C GLY B 133 -23.97 -6.30 -11.22
N GLU B 134 -22.92 -7.09 -11.42
CA GLU B 134 -21.95 -7.29 -10.35
C GLU B 134 -21.23 -5.99 -10.05
N ILE B 135 -20.93 -5.79 -8.77
CA ILE B 135 -20.25 -4.57 -8.36
C ILE B 135 -18.87 -4.55 -9.02
N LYS B 136 -18.41 -3.35 -9.35
CA LYS B 136 -17.18 -3.21 -10.15
C LYS B 136 -15.96 -3.73 -9.39
N ALA B 137 -16.00 -3.71 -8.07
CA ALA B 137 -14.91 -4.18 -7.23
C ALA B 137 -14.99 -5.67 -6.92
N ASP B 138 -15.84 -6.41 -7.63
CA ASP B 138 -16.04 -7.83 -7.34
C ASP B 138 -14.74 -8.61 -7.53
N TYR B 139 -14.54 -9.61 -6.66
CA TYR B 139 -13.39 -10.49 -6.80
C TYR B 139 -13.68 -11.62 -7.80
N GLY B 140 -14.90 -12.14 -7.78
CA GLY B 140 -15.28 -13.24 -8.66
C GLY B 140 -15.84 -14.44 -7.91
N GLU C 8 -9.30 34.18 -18.84
CA GLU C 8 -10.08 33.82 -17.67
C GLU C 8 -9.84 32.39 -17.23
N ILE C 9 -9.94 32.20 -15.91
CA ILE C 9 -9.77 30.87 -15.32
C ILE C 9 -10.84 29.96 -15.88
N ILE C 10 -10.44 28.86 -16.51
CA ILE C 10 -11.38 27.81 -16.87
C ILE C 10 -11.57 26.94 -15.64
N TRP C 11 -12.68 27.13 -14.92
CA TRP C 11 -12.84 26.48 -13.63
C TRP C 11 -13.07 24.97 -13.76
N GLU C 12 -13.66 24.51 -14.87
CA GLU C 12 -13.93 23.08 -15.04
C GLU C 12 -12.63 22.48 -15.59
N SER C 13 -11.69 22.25 -14.67
CA SER C 13 -10.36 21.80 -15.04
C SER C 13 -9.75 21.08 -13.85
N LEU C 14 -8.58 20.49 -14.09
CA LEU C 14 -7.70 19.96 -13.05
C LEU C 14 -6.50 20.89 -12.89
N SER C 15 -5.94 20.88 -11.70
CA SER C 15 -4.72 21.66 -11.42
C SER C 15 -3.71 20.71 -10.79
N VAL C 16 -2.46 20.81 -11.22
CA VAL C 16 -1.42 19.98 -10.60
C VAL C 16 -0.46 20.88 -9.84
N ASP C 17 0.06 20.33 -8.74
CA ASP C 17 1.05 21.04 -7.92
C ASP C 17 2.11 20.05 -7.49
N VAL C 18 3.30 20.56 -7.27
CA VAL C 18 4.45 19.76 -6.87
C VAL C 18 4.99 20.33 -5.57
N GLY C 19 5.35 19.45 -4.66
CA GLY C 19 5.93 19.86 -3.40
C GLY C 19 7.35 19.33 -3.35
N SER C 20 8.30 20.23 -3.07
CA SER C 20 9.71 19.93 -3.25
C SER C 20 10.49 20.41 -2.03
N GLN C 21 11.15 19.49 -1.32
CA GLN C 21 12.02 19.84 -0.18
C GLN C 21 13.42 20.03 -0.72
N GLY C 22 13.73 21.25 -1.13
CA GLY C 22 14.96 21.48 -1.86
C GLY C 22 14.81 21.10 -3.32
N ASN C 23 15.89 21.31 -4.07
CA ASN C 23 15.93 21.10 -5.51
C ASN C 23 17.37 20.94 -6.01
N PRO C 24 17.81 19.72 -6.36
CA PRO C 24 17.06 18.45 -6.31
C PRO C 24 16.77 18.04 -4.87
N GLY C 25 15.73 17.26 -4.64
CA GLY C 25 15.35 16.89 -3.29
C GLY C 25 14.13 15.98 -3.31
N ILE C 26 13.56 15.78 -2.12
CA ILE C 26 12.38 14.94 -1.99
C ILE C 26 11.21 15.63 -2.70
N VAL C 27 10.55 14.91 -3.61
CA VAL C 27 9.54 15.53 -4.45
C VAL C 27 8.24 14.73 -4.34
N GLU C 28 7.12 15.44 -4.29
CA GLU C 28 5.82 14.79 -4.37
C GLU C 28 4.91 15.66 -5.23
N TYR C 29 3.79 15.09 -5.68
CA TYR C 29 2.85 15.91 -6.44
C TYR C 29 1.42 15.41 -6.26
N LYS C 30 0.46 16.25 -6.65
CA LYS C 30 -0.94 15.85 -6.66
C LYS C 30 -1.71 16.59 -7.74
N GLY C 31 -2.84 16.03 -8.14
CA GLY C 31 -3.76 16.70 -9.06
C GLY C 31 -5.07 16.94 -8.32
N VAL C 32 -5.65 18.14 -8.50
CA VAL C 32 -6.85 18.50 -7.76
C VAL C 32 -7.88 19.04 -8.73
N ASP C 33 -9.15 18.94 -8.31
CA ASP C 33 -10.22 19.58 -9.04
C ASP C 33 -10.12 21.08 -8.78
N THR C 34 -10.02 21.88 -9.84
CA THR C 34 -9.80 23.32 -9.66
C THR C 34 -10.92 23.97 -8.85
N LYS C 35 -12.16 23.48 -8.96
CA LYS C 35 -13.23 24.19 -8.27
C LYS C 35 -13.51 23.64 -6.87
N THR C 36 -13.16 22.39 -6.56
CA THR C 36 -13.46 21.84 -5.24
C THR C 36 -12.23 21.65 -4.36
N GLY C 37 -11.04 21.53 -4.93
CA GLY C 37 -9.88 21.11 -4.15
C GLY C 37 -9.80 19.62 -3.88
N GLU C 38 -10.76 18.82 -4.37
CA GLU C 38 -10.69 17.37 -4.22
C GLU C 38 -9.38 16.85 -4.80
N VAL C 39 -8.68 16.02 -4.04
CA VAL C 39 -7.46 15.41 -4.57
C VAL C 39 -7.83 14.19 -5.40
N LEU C 40 -7.53 14.26 -6.70
CA LEU C 40 -7.92 13.22 -7.64
C LEU C 40 -6.85 12.16 -7.84
N PHE C 41 -5.58 12.54 -7.70
CA PHE C 41 -4.50 11.57 -7.72
C PHE C 41 -3.33 12.21 -6.99
N GLU C 42 -2.38 11.38 -6.60
CA GLU C 42 -1.26 11.89 -5.84
C GLU C 42 -0.11 10.90 -6.00
N ARG C 43 1.10 11.41 -5.82
CA ARG C 43 2.31 10.62 -5.90
C ARG C 43 3.01 10.64 -4.56
N GLU C 44 3.24 9.46 -3.99
CA GLU C 44 4.00 9.33 -2.76
C GLU C 44 5.41 9.92 -2.94
N PRO C 45 5.97 10.50 -1.88
CA PRO C 45 7.28 11.17 -1.98
C PRO C 45 8.35 10.35 -2.68
N ILE C 46 9.13 11.02 -3.53
CA ILE C 46 10.21 10.41 -4.29
C ILE C 46 11.52 10.88 -3.68
N PRO C 47 12.46 9.97 -3.37
CA PRO C 47 13.67 10.38 -2.64
C PRO C 47 14.42 11.56 -3.23
N ILE C 48 14.71 11.54 -4.54
CA ILE C 48 15.45 12.60 -5.21
C ILE C 48 14.81 12.83 -6.58
N GLY C 49 14.40 14.08 -6.83
CA GLY C 49 14.00 14.51 -8.14
C GLY C 49 14.18 16.01 -8.18
N THR C 50 13.90 16.59 -9.35
CA THR C 50 13.82 18.05 -9.45
C THR C 50 12.36 18.51 -9.47
N ASN C 51 12.18 19.79 -9.16
CA ASN C 51 10.86 20.39 -9.24
C ASN C 51 10.25 20.22 -10.63
N ASN C 52 11.04 20.50 -11.66
CA ASN C 52 10.57 20.39 -13.05
C ASN C 52 10.20 18.95 -13.40
N MET C 53 10.99 17.97 -12.93
CA MET C 53 10.59 16.60 -13.19
C MET C 53 9.27 16.27 -12.49
N GLY C 54 9.09 16.74 -11.25
CA GLY C 54 7.79 16.56 -10.59
C GLY C 54 6.64 17.16 -11.37
N GLU C 55 6.82 18.38 -11.89
CA GLU C 55 5.76 19.04 -12.65
C GLU C 55 5.44 18.28 -13.94
N PHE C 56 6.48 17.85 -14.67
CA PHE C 56 6.33 17.00 -15.85
C PHE C 56 5.51 15.76 -15.53
N LEU C 57 5.91 15.01 -14.49
CA LEU C 57 5.21 13.77 -14.15
C LEU C 57 3.79 14.04 -13.74
N ALA C 58 3.56 15.16 -13.04
CA ALA C 58 2.21 15.46 -12.58
C ALA C 58 1.28 15.74 -13.76
N ILE C 59 1.79 16.46 -14.76
CA ILE C 59 0.97 16.72 -15.95
C ILE C 59 0.62 15.41 -16.64
N VAL C 60 1.62 14.55 -16.87
CA VAL C 60 1.35 13.33 -17.62
C VAL C 60 0.42 12.42 -16.84
N HIS C 61 0.61 12.31 -15.52
CA HIS C 61 -0.33 11.57 -14.68
C HIS C 61 -1.75 12.08 -14.88
N GLY C 62 -1.93 13.40 -14.85
CA GLY C 62 -3.26 13.97 -15.10
C GLY C 62 -3.78 13.67 -16.49
N LEU C 63 -2.89 13.66 -17.49
CA LEU C 63 -3.28 13.30 -18.86
C LEU C 63 -3.84 11.88 -18.89
N ARG C 64 -3.12 10.94 -18.27
CA ARG C 64 -3.60 9.56 -18.22
C ARG C 64 -4.90 9.45 -17.45
N TYR C 65 -4.99 10.14 -16.31
CA TYR C 65 -6.21 10.12 -15.51
C TYR C 65 -7.40 10.62 -16.32
N LEU C 66 -7.21 11.72 -17.05
CA LEU C 66 -8.33 12.29 -17.81
C LEU C 66 -8.70 11.42 -18.98
N LYS C 67 -7.70 10.86 -19.68
CA LYS C 67 -8.00 10.01 -20.82
C LYS C 67 -8.82 8.80 -20.38
N GLU C 68 -8.44 8.18 -19.25
CA GLU C 68 -9.11 6.99 -18.76
C GLU C 68 -10.57 7.26 -18.42
N ARG C 69 -10.91 8.50 -18.06
CA ARG C 69 -12.27 8.92 -17.77
C ARG C 69 -13.01 9.49 -18.95
N ASN C 70 -12.40 9.51 -20.14
CA ASN C 70 -12.92 10.20 -21.31
C ASN C 70 -13.36 11.62 -20.93
N SER C 71 -12.45 12.35 -20.29
CA SER C 71 -12.70 13.73 -19.92
C SER C 71 -11.91 14.64 -20.84
N ARG C 72 -12.50 15.79 -21.17
CA ARG C 72 -11.86 16.79 -22.01
C ARG C 72 -11.46 18.03 -21.21
N LYS C 73 -11.55 17.96 -19.88
CA LYS C 73 -11.13 19.06 -19.02
C LYS C 73 -9.68 19.44 -19.31
N PRO C 74 -9.33 20.73 -19.25
CA PRO C 74 -7.92 21.10 -19.33
C PRO C 74 -7.17 20.77 -18.04
N ILE C 75 -5.85 20.86 -18.12
CA ILE C 75 -4.95 20.78 -16.98
C ILE C 75 -4.24 22.11 -16.84
N TYR C 76 -4.22 22.65 -15.62
CA TYR C 76 -3.38 23.80 -15.29
C TYR C 76 -2.10 23.35 -14.61
N SER C 77 -0.99 23.94 -15.05
CA SER C 77 0.31 23.79 -14.39
C SER C 77 0.93 25.16 -14.20
N ASN C 78 1.62 25.36 -13.08
CA ASN C 78 2.37 26.60 -12.88
C ASN C 78 3.69 26.60 -13.62
N SER C 79 4.07 25.51 -14.29
CA SER C 79 5.45 25.36 -14.77
C SER C 79 5.51 25.49 -16.30
N GLN C 80 5.91 26.66 -16.78
CA GLN C 80 6.07 26.81 -18.23
C GLN C 80 7.05 25.80 -18.79
N THR C 81 8.11 25.50 -18.03
CA THR C 81 9.10 24.55 -18.51
C THR C 81 8.51 23.15 -18.66
N ALA C 82 7.76 22.67 -17.64
CA ALA C 82 7.19 21.34 -17.76
C ALA C 82 6.11 21.27 -18.84
N ILE C 83 5.37 22.36 -19.04
CA ILE C 83 4.41 22.38 -20.14
C ILE C 83 5.12 22.21 -21.48
N LYS C 84 6.27 22.88 -21.67
CA LYS C 84 7.01 22.71 -22.91
C LYS C 84 7.53 21.30 -23.05
N TRP C 85 8.03 20.72 -21.96
CA TRP C 85 8.53 19.34 -22.00
C TRP C 85 7.44 18.39 -22.47
N VAL C 86 6.22 18.53 -21.93
CA VAL C 86 5.13 17.63 -22.33
C VAL C 86 4.75 17.86 -23.78
N LYS C 87 4.65 19.12 -24.21
CA LYS C 87 4.37 19.40 -25.62
C LYS C 87 5.49 18.92 -26.54
N ASP C 88 6.73 18.91 -26.06
CA ASP C 88 7.86 18.38 -26.81
C ASP C 88 7.99 16.88 -26.68
N LYS C 89 7.23 16.25 -25.79
CA LYS C 89 7.30 14.80 -25.52
C LYS C 89 8.67 14.40 -24.98
N LYS C 90 9.38 15.30 -24.29
CA LYS C 90 10.73 14.98 -23.85
C LYS C 90 11.09 15.88 -22.67
N ALA C 91 11.45 15.28 -21.53
CA ALA C 91 11.84 16.00 -20.32
C ALA C 91 13.34 16.27 -20.37
N LYS C 92 13.70 17.52 -20.68
CA LYS C 92 15.10 17.93 -20.81
C LYS C 92 15.67 18.31 -19.43
N SER C 93 15.70 17.33 -18.54
CA SER C 93 16.24 17.50 -17.21
C SER C 93 17.76 17.29 -17.17
N THR C 94 18.42 18.08 -16.31
CA THR C 94 19.85 17.97 -16.08
C THR C 94 20.20 17.05 -14.91
N LEU C 95 19.22 16.41 -14.27
CA LEU C 95 19.51 15.60 -13.10
C LEU C 95 20.38 14.39 -13.49
N VAL C 96 21.34 14.08 -12.63
CA VAL C 96 22.23 12.95 -12.92
C VAL C 96 21.43 11.65 -12.93
N ARG C 97 21.73 10.80 -13.91
CA ARG C 97 21.18 9.43 -13.97
C ARG C 97 22.16 8.48 -13.29
N ASN C 98 21.77 7.98 -12.12
CA ASN C 98 22.61 7.03 -11.40
C ASN C 98 21.70 6.16 -10.54
N GLU C 99 22.28 5.50 -9.53
CA GLU C 99 21.51 4.53 -8.77
C GLU C 99 20.46 5.21 -7.90
N GLU C 100 20.77 6.38 -7.35
CA GLU C 100 19.87 7.03 -6.39
C GLU C 100 18.78 7.86 -7.06
N THR C 101 18.90 8.16 -8.36
CA THR C 101 17.86 8.85 -9.11
C THR C 101 17.17 7.92 -10.11
N ALA C 102 17.41 6.61 -9.98
CA ALA C 102 16.82 5.64 -10.90
C ALA C 102 15.31 5.77 -10.94
N LEU C 103 14.68 5.92 -9.77
CA LEU C 103 13.24 5.96 -9.68
C LEU C 103 12.65 7.11 -10.50
N ILE C 104 13.12 8.34 -10.24
CA ILE C 104 12.50 9.49 -10.88
C ILE C 104 12.73 9.43 -12.39
N TRP C 105 13.89 8.94 -12.81
CA TRP C 105 14.16 8.83 -14.24
C TRP C 105 13.34 7.70 -14.87
N LYS C 106 13.19 6.58 -14.16
CA LYS C 106 12.25 5.54 -14.58
C LYS C 106 10.87 6.12 -14.84
N LEU C 107 10.37 6.93 -13.90
CA LEU C 107 9.05 7.54 -14.05
C LEU C 107 9.02 8.50 -15.24
N VAL C 108 10.09 9.27 -15.43
CA VAL C 108 10.15 10.17 -16.58
C VAL C 108 10.11 9.38 -17.88
N ASP C 109 10.84 8.26 -17.94
CA ASP C 109 10.89 7.46 -19.16
C ASP C 109 9.53 6.86 -19.49
N GLU C 110 8.79 6.43 -18.46
CA GLU C 110 7.45 5.90 -18.67
C GLU C 110 6.48 6.97 -19.15
N ALA C 111 6.56 8.17 -18.56
CA ALA C 111 5.73 9.28 -19.00
C ALA C 111 6.04 9.65 -20.43
N GLU C 112 7.33 9.66 -20.77
CA GLU C 112 7.76 9.96 -22.14
C GLU C 112 7.25 8.91 -23.12
N GLU C 113 7.33 7.64 -22.74
CA GLU C 113 6.65 6.57 -23.49
C GLU C 113 5.20 6.93 -23.76
N TRP C 114 4.45 7.22 -22.70
CA TRP C 114 3.03 7.47 -22.84
C TRP C 114 2.75 8.62 -23.81
N LEU C 115 3.61 9.64 -23.81
CA LEU C 115 3.36 10.79 -24.67
C LEU C 115 3.60 10.46 -26.13
N ASN C 116 4.56 9.58 -26.41
CA ASN C 116 4.92 9.25 -27.78
C ASN C 116 3.96 8.27 -28.44
N THR C 117 2.95 7.79 -27.71
CA THR C 117 1.99 6.85 -28.25
C THR C 117 0.54 7.30 -28.10
N HIS C 118 0.29 8.48 -27.54
CA HIS C 118 -1.05 8.97 -27.36
C HIS C 118 -1.13 10.39 -27.90
N THR C 119 -2.24 10.72 -28.56
CA THR C 119 -2.50 12.09 -28.97
C THR C 119 -3.78 12.49 -28.24
N TYR C 120 -3.61 13.22 -27.14
CA TYR C 120 -4.63 13.42 -26.13
C TYR C 120 -5.49 14.64 -26.49
N GLU C 121 -6.63 14.72 -25.81
CA GLU C 121 -7.59 15.81 -25.99
C GLU C 121 -7.27 17.02 -25.11
N THR C 122 -6.54 16.79 -24.01
CA THR C 122 -6.47 17.75 -22.91
C THR C 122 -5.73 19.02 -23.30
N PRO C 123 -6.35 20.19 -23.20
CA PRO C 123 -5.56 21.44 -23.25
C PRO C 123 -4.70 21.54 -21.99
N ILE C 124 -3.45 21.97 -22.19
CA ILE C 124 -2.49 22.13 -21.09
C ILE C 124 -2.21 23.61 -20.95
N LEU C 125 -2.70 24.19 -19.87
CA LEU C 125 -2.76 25.63 -19.71
C LEU C 125 -1.82 26.06 -18.60
N LYS C 126 -1.25 27.26 -18.78
CA LYS C 126 -0.40 27.86 -17.78
C LYS C 126 -1.25 28.54 -16.71
N TRP C 127 -1.02 28.20 -15.44
CA TRP C 127 -1.69 28.91 -14.36
C TRP C 127 -1.01 30.27 -14.17
N GLN C 128 -1.80 31.34 -14.21
CA GLN C 128 -1.27 32.70 -14.15
C GLN C 128 -1.32 33.18 -12.69
N THR C 129 -0.33 32.71 -11.92
CA THR C 129 -0.31 33.01 -10.48
C THR C 129 -0.28 34.51 -10.23
N ASP C 130 0.47 35.26 -11.04
CA ASP C 130 0.60 36.70 -10.88
C ASP C 130 -0.73 37.43 -10.95
N LYS C 131 -1.77 36.80 -11.51
CA LYS C 131 -3.09 37.40 -11.58
C LYS C 131 -4.12 36.69 -10.71
N TRP C 132 -4.03 35.37 -10.57
CA TRP C 132 -5.11 34.58 -10.00
C TRP C 132 -4.83 34.10 -8.57
N GLY C 133 -3.64 34.36 -8.03
CA GLY C 133 -3.27 33.78 -6.77
C GLY C 133 -2.71 32.38 -6.95
N GLU C 134 -2.38 31.75 -5.83
CA GLU C 134 -1.75 30.43 -5.87
C GLU C 134 -2.65 29.42 -6.56
N ILE C 135 -2.02 28.50 -7.29
CA ILE C 135 -2.75 27.41 -7.92
C ILE C 135 -3.39 26.57 -6.82
N LYS C 136 -4.57 26.01 -7.11
CA LYS C 136 -5.33 25.29 -6.09
C LYS C 136 -4.46 24.22 -5.43
N ALA C 137 -4.33 24.32 -4.10
CA ALA C 137 -3.34 23.59 -3.30
C ALA C 137 -1.91 23.88 -3.78
C1 OWR D 9 12.92 31.00 -4.29
C1' OWR D 9 13.56 26.20 -2.19
C10 OWR D 9 10.71 30.19 -4.84
C11 OWR D 9 10.40 31.40 -5.43
C12 OWR D 9 11.35 32.41 -5.45
C13 OWR D 9 12.61 32.22 -4.89
C2 OWR D 9 11.97 29.97 -4.28
C2' OWR D 9 12.30 26.22 -1.32
C3 OWR D 9 12.30 28.77 -3.68
C3' OWR D 9 11.72 24.84 -1.54
C4 OWR D 9 13.52 28.59 -3.13
C4' OWR D 9 12.26 24.39 -2.89
C5 OWR D 9 14.44 29.58 -3.16
C5' OWR D 9 11.15 24.32 -3.95
C6 OWR D 9 14.17 30.76 -3.73
C8 OWR D 9 15.35 27.88 -2.16
N7 OWR D 9 15.54 29.13 -2.56
N9 OWR D 9 14.09 27.55 -2.52
O3' OWR D 9 12.26 23.94 -0.55
O4' OWR D 9 13.22 25.40 -3.32
O5' OWR D 9 10.50 25.57 -4.01
OP2 OWR D 9 8.65 27.18 -4.74
P OWR D 9 9.22 25.79 -4.98
OP1 OWR D 9 8.25 24.66 -4.74
C1 OWR E 9 19.81 27.10 -19.21
C1' OWR E 9 15.41 28.54 -21.68
C10 OWR E 9 18.95 24.87 -19.44
C11 OWR E 9 20.08 24.35 -18.81
C12 OWR E 9 21.07 25.23 -18.36
C13 OWR E 9 20.93 26.60 -18.56
C2 OWR E 9 18.82 26.24 -19.65
C2' OWR E 9 15.49 27.58 -22.85
C3 OWR E 9 17.72 26.78 -20.29
C3' OWR E 9 14.16 26.85 -22.80
C4 OWR E 9 17.63 28.10 -20.46
C4' OWR E 9 13.65 27.03 -21.38
C5 OWR E 9 18.59 28.92 -20.02
C5' OWR E 9 13.55 25.67 -20.71
C6 OWR E 9 19.66 28.46 -19.42
C8 OWR E 9 17.07 30.14 -20.94
N7 OWR E 9 18.24 30.17 -20.34
N9 OWR E 9 16.69 28.86 -21.03
O3' OWR E 9 13.18 27.50 -23.64
O4' OWR E 9 14.55 27.93 -20.71
O5' OWR E 9 14.84 25.05 -20.79
OP2 OWR E 9 16.46 23.11 -20.99
P OWR E 9 15.05 23.51 -20.56
OP1 OWR E 9 13.99 22.68 -21.26
C1 EDO F . -5.16 -15.50 -0.57
O1 EDO F . -3.74 -15.25 -0.72
C2 EDO F . -5.46 -16.73 0.28
O2 EDO F . -4.88 -17.94 -0.26
C1 GOL G . 33.14 -12.83 11.29
O1 GOL G . 32.09 -13.63 11.67
C2 GOL G . 34.37 -13.45 11.94
O2 GOL G . 34.73 -14.64 11.29
C3 GOL G . 35.46 -12.34 11.89
O3 GOL G . 36.68 -12.98 11.66
NA NA H . 10.99 -21.15 8.70
NA NA I . 12.91 -23.22 9.45
C1 EDO J . -7.07 5.61 4.47
O1 EDO J . -6.75 5.82 3.09
C2 EDO J . -5.80 5.41 5.29
O2 EDO J . -6.17 4.92 6.58
C1 EDO K . -10.13 9.70 -7.76
O1 EDO K . -11.20 9.69 -8.73
C2 EDO K . -10.58 9.07 -6.44
O2 EDO K . -11.84 9.64 -6.03
C1 GOL L . -9.37 2.21 7.84
O1 GOL L . -8.33 1.34 7.55
C2 GOL L . -10.41 1.48 8.73
O2 GOL L . -10.85 0.26 8.15
C3 GOL L . -9.84 1.46 10.25
O3 GOL L . -9.33 0.14 10.70
NA NA M . -20.05 -12.73 7.82
C1 EDO N . -0.63 15.25 -28.61
O1 EDO N . 0.25 15.45 -29.74
C2 EDO N . -2.09 15.48 -28.99
O2 EDO N . -2.51 16.81 -28.68
C1 EDO O . 3.34 32.77 -12.59
O1 EDO O . 2.71 33.60 -13.58
C2 EDO O . 4.83 32.63 -12.88
O2 EDO O . 5.07 31.51 -13.73
C1 GOL P . 1.80 18.00 -2.32
O1 GOL P . 1.58 16.95 -3.23
C2 GOL P . 2.28 19.20 -3.17
O2 GOL P . 1.53 19.35 -4.30
C3 GOL P . 2.17 20.44 -2.26
O3 GOL P . 2.60 20.05 -1.02
NA NA Q . 13.55 21.88 -11.26
#